data_6JEZ
#
_entry.id   6JEZ
#
_cell.length_a   153.930
_cell.length_b   43.390
_cell.length_c   42.000
_cell.angle_alpha   90.00
_cell.angle_beta   95.30
_cell.angle_gamma   90.00
#
_symmetry.space_group_name_H-M   'C 1 2 1'
#
loop_
_entity.id
_entity.type
_entity.pdbx_description
1 polymer 'Vitamin D3 receptor,Vitamin D3 receptor'
2 polymer 'Mediator of RNA polymerase II transcription subunit 1'
3 non-polymer '(1R,3R)-5-(2-((1R,3aS,7aR,E)-1-((R)-6-hydroxy-6-methylheptan-2-yl)-7a-methyloctahydro-4H-inden-4-ylidene)ethylidene)-2- methylenecyclohexane-1,3-diol'
4 non-polymer 7-(diethylamino)chromen-2-one
5 water water
#
loop_
_entity_poly.entity_id
_entity_poly.type
_entity_poly.pdbx_seq_one_letter_code
_entity_poly.pdbx_strand_id
1 'polypeptide(L)'
;GSHMGSPNSPLKDSLRPKLSEEQQHIIAILLDAHHKTYDPTYADFRDFRPPVRMDGSTGSVTLDLSPLSMLPHLADLVSY
SIQKVIGFAKMIPGFRDLTSDDQIVLLKSSAIEVIMLRSNQSFTMDDMSWDCGSQDYKYDVTDVSKAGHTLELIEPLIKF
QVGLKKLNLHEEEHVLLMAICIVSPDRPGVQDAKLVEAIQDRLSNTLQTYIRCRHPPPGSHQLYAKMIQKLADLRSLNEE
HSKQYRSLSFQPENSMKLTPLVLEVFGNEIS
;
A
2 'polypeptide(L)' KNHPMLMNLLKDN C
#
# COMPACT_ATOMS: atom_id res chain seq x y z
N LYS A 18 2.10 29.86 -1.70
CA LYS A 18 2.52 29.20 -0.41
C LYS A 18 1.62 28.00 -0.10
N LEU A 19 1.85 27.39 1.06
CA LEU A 19 1.06 26.25 1.50
C LEU A 19 -0.26 26.77 2.13
N SER A 20 -1.38 26.58 1.43
CA SER A 20 -2.68 27.12 1.85
C SER A 20 -3.19 26.48 3.16
N GLU A 21 -4.23 27.08 3.73
CA GLU A 21 -4.83 26.57 4.97
C GLU A 21 -5.48 25.22 4.69
N GLU A 22 -6.20 25.13 3.57
CA GLU A 22 -6.74 23.85 3.09
C GLU A 22 -5.66 22.77 2.96
N GLN A 23 -4.53 23.13 2.35
CA GLN A 23 -3.45 22.18 2.09
C GLN A 23 -2.79 21.72 3.40
N GLN A 24 -2.74 22.62 4.39
CA GLN A 24 -2.21 22.28 5.71
CA GLN A 24 -2.19 22.23 5.69
C GLN A 24 -3.17 21.33 6.45
N HIS A 25 -4.45 21.61 6.27
CA HIS A 25 -5.48 20.76 6.81
C HIS A 25 -5.37 19.35 6.23
N ILE A 26 -5.29 19.22 4.90
CA ILE A 26 -5.14 17.91 4.25
C ILE A 26 -3.97 17.12 4.85
N ILE A 27 -2.81 17.74 4.93
CA ILE A 27 -1.62 17.02 5.45
C ILE A 27 -1.82 16.54 6.89
N ALA A 28 -2.38 17.41 7.74
CA ALA A 28 -2.71 17.08 9.14
C ALA A 28 -3.65 15.89 9.25
N ILE A 29 -4.68 15.90 8.41
CA ILE A 29 -5.63 14.77 8.29
C ILE A 29 -4.93 13.47 7.91
N LEU A 30 -4.04 13.52 6.92
CA LEU A 30 -3.44 12.29 6.39
C LEU A 30 -2.39 11.70 7.35
N LEU A 31 -1.60 12.56 8.00
CA LEU A 31 -0.76 12.16 9.12
C LEU A 31 -1.49 11.44 10.24
N ASP A 32 -2.58 12.05 10.71
CA ASP A 32 -3.37 11.44 11.76
C ASP A 32 -3.95 10.11 11.31
N ALA A 33 -4.49 10.06 10.10
CA ALA A 33 -5.10 8.85 9.56
C ALA A 33 -4.07 7.74 9.48
N HIS A 34 -2.85 8.08 9.09
CA HIS A 34 -1.83 7.06 8.95
C HIS A 34 -1.41 6.55 10.33
N HIS A 35 -1.24 7.47 11.27
CA HIS A 35 -0.91 7.08 12.62
C HIS A 35 -1.98 6.20 13.25
N LYS A 36 -3.25 6.37 12.92
CA LYS A 36 -4.29 5.52 13.50
C LYS A 36 -4.27 4.14 12.89
N THR A 37 -3.75 4.04 11.66
CA THR A 37 -3.75 2.80 10.90
C THR A 37 -2.38 2.14 10.73
N TYR A 38 -1.36 2.65 11.41
CA TYR A 38 -0.01 2.08 11.28
C TYR A 38 0.69 2.10 12.61
N ASP A 39 0.74 0.94 13.26
CA ASP A 39 1.32 0.77 14.59
C ASP A 39 2.79 0.37 14.37
N PRO A 40 3.73 1.32 14.61
CA PRO A 40 5.13 1.00 14.44
C PRO A 40 5.69 0.08 15.50
N THR A 41 4.91 -0.35 16.49
CA THR A 41 5.35 -1.44 17.37
C THR A 41 5.00 -2.82 16.78
N TYR A 42 4.03 -2.88 15.85
CA TYR A 42 3.60 -4.15 15.26
C TYR A 42 3.04 -5.16 16.24
N ALA A 43 2.40 -4.65 17.28
CA ALA A 43 1.86 -5.47 18.34
C ALA A 43 0.81 -6.50 17.85
N ASP A 44 -0.01 -6.15 16.87
CA ASP A 44 -1.07 -7.06 16.40
C ASP A 44 -0.54 -8.30 15.64
N PHE A 45 0.75 -8.32 15.35
CA PHE A 45 1.35 -9.43 14.60
C PHE A 45 1.27 -10.74 15.39
N ARG A 46 0.99 -10.68 16.68
CA ARG A 46 0.85 -11.89 17.49
C ARG A 46 -0.46 -12.66 17.17
N ASP A 47 -1.48 -11.98 16.63
CA ASP A 47 -2.72 -12.62 16.16
C ASP A 47 -2.64 -13.42 14.83
N PHE A 48 -1.56 -13.21 14.07
CA PHE A 48 -1.37 -13.90 12.81
C PHE A 48 -0.96 -15.35 13.01
N ARG A 49 -1.39 -16.23 12.11
CA ARG A 49 -0.87 -17.61 12.09
C ARG A 49 0.68 -17.59 12.17
N PRO A 50 1.30 -18.51 12.90
CA PRO A 50 2.71 -18.31 13.13
C PRO A 50 3.58 -18.37 11.85
N PRO A 51 4.73 -17.64 11.84
CA PRO A 51 5.65 -17.82 10.72
C PRO A 51 6.43 -19.15 10.86
N VAL A 52 6.67 -19.83 9.74
CA VAL A 52 7.53 -21.04 9.72
C VAL A 52 8.61 -20.95 8.61
N ARG A 53 9.86 -20.98 9.04
CA ARG A 53 11.05 -20.90 8.18
C ARG A 53 11.90 -22.13 8.50
N MET A 54 11.40 -23.29 8.09
CA MET A 54 11.87 -24.58 8.61
C MET A 54 13.31 -24.90 8.20
N SER A 66 9.93 -27.24 3.05
CA SER A 66 8.69 -26.62 3.52
C SER A 66 8.13 -25.60 2.47
N PRO A 67 7.57 -26.12 1.35
CA PRO A 67 7.02 -25.18 0.36
C PRO A 67 5.77 -24.45 0.88
N LEU A 68 5.69 -23.13 0.64
CA LEU A 68 4.58 -22.26 1.09
C LEU A 68 4.41 -22.16 2.60
N SER A 69 5.52 -22.44 3.27
CA SER A 69 5.64 -22.36 4.71
C SER A 69 5.20 -21.06 5.30
N MET A 70 5.54 -19.98 4.64
CA MET A 70 5.28 -18.60 5.11
C MET A 70 3.93 -18.10 4.60
N LEU A 71 3.22 -18.88 3.82
CA LEU A 71 1.98 -18.35 3.22
C LEU A 71 0.87 -18.00 4.23
N PRO A 72 0.55 -18.90 5.21
CA PRO A 72 -0.42 -18.50 6.25
C PRO A 72 -0.05 -17.22 6.98
N HIS A 73 1.21 -17.08 7.39
CA HIS A 73 1.60 -15.93 8.14
C HIS A 73 1.45 -14.68 7.28
N LEU A 74 1.96 -14.74 6.05
CA LEU A 74 1.99 -13.54 5.19
C LEU A 74 0.63 -13.25 4.57
N ALA A 75 -0.17 -14.27 4.31
CA ALA A 75 -1.60 -14.05 3.98
C ALA A 75 -2.32 -13.23 5.08
N ASP A 76 -2.09 -13.59 6.35
CA ASP A 76 -2.70 -12.88 7.46
C ASP A 76 -2.20 -11.44 7.55
N LEU A 77 -0.88 -11.26 7.44
CA LEU A 77 -0.29 -9.89 7.46
C LEU A 77 -0.88 -8.99 6.37
N VAL A 78 -1.02 -9.56 5.19
CA VAL A 78 -1.60 -8.81 4.09
C VAL A 78 -3.08 -8.55 4.32
N SER A 79 -3.81 -9.52 4.85
CA SER A 79 -5.23 -9.34 5.11
C SER A 79 -5.45 -8.21 6.14
N TYR A 80 -4.68 -8.22 7.22
CA TYR A 80 -4.65 -7.13 8.17
C TYR A 80 -4.28 -5.79 7.50
N SER A 81 -3.26 -5.85 6.66
CA SER A 81 -2.72 -4.68 6.01
C SER A 81 -3.77 -4.13 5.06
N ILE A 82 -4.50 -5.02 4.36
CA ILE A 82 -5.67 -4.57 3.61
C ILE A 82 -6.65 -3.77 4.49
N GLN A 83 -7.04 -4.31 5.66
CA GLN A 83 -8.00 -3.62 6.47
C GLN A 83 -7.48 -2.22 6.81
N LYS A 84 -6.21 -2.11 7.17
CA LYS A 84 -5.63 -0.85 7.60
C LYS A 84 -5.59 0.17 6.48
N VAL A 85 -5.31 -0.28 5.27
CA VAL A 85 -5.35 0.57 4.07
C VAL A 85 -6.75 1.10 3.79
N ILE A 86 -7.76 0.28 4.00
CA ILE A 86 -9.15 0.77 3.91
C ILE A 86 -9.42 1.88 4.94
N GLY A 87 -8.99 1.63 6.19
CA GLY A 87 -9.16 2.60 7.32
C GLY A 87 -8.42 3.94 7.04
N PHE A 88 -7.24 3.88 6.39
CA PHE A 88 -6.54 5.08 5.86
C PHE A 88 -7.35 5.76 4.75
N ALA A 89 -7.76 4.98 3.75
CA ALA A 89 -8.44 5.50 2.58
C ALA A 89 -9.67 6.30 2.93
N LYS A 90 -10.47 5.78 3.85
CA LYS A 90 -11.75 6.40 4.29
C LYS A 90 -11.59 7.82 4.81
N MET A 91 -10.45 8.07 5.42
CA MET A 91 -10.11 9.39 5.96
C MET A 91 -9.44 10.34 4.98
N ILE A 92 -9.29 9.93 3.70
CA ILE A 92 -8.74 10.82 2.65
C ILE A 92 -9.83 11.83 2.28
N PRO A 93 -9.55 13.14 2.40
CA PRO A 93 -10.54 14.18 2.01
C PRO A 93 -11.01 14.05 0.57
N GLY A 94 -12.33 13.87 0.41
CA GLY A 94 -12.98 13.70 -0.89
C GLY A 94 -13.39 12.26 -1.10
N PHE A 95 -12.67 11.34 -0.44
CA PHE A 95 -12.83 9.92 -0.75
C PHE A 95 -14.24 9.46 -0.61
N ARG A 96 -14.89 9.95 0.43
CA ARG A 96 -16.28 9.58 0.78
C ARG A 96 -17.36 10.19 -0.10
N ASP A 97 -17.03 11.21 -0.89
CA ASP A 97 -17.97 11.85 -1.84
C ASP A 97 -18.08 10.97 -3.07
N LEU A 98 -17.16 10.01 -3.15
CA LEU A 98 -17.18 9.01 -4.18
C LEU A 98 -18.30 8.03 -3.89
N THR A 99 -18.97 7.53 -4.94
CA THR A 99 -19.92 6.40 -4.76
C THR A 99 -19.18 5.23 -4.10
N SER A 100 -19.96 4.34 -3.47
CA SER A 100 -19.42 3.12 -2.88
C SER A 100 -18.74 2.25 -3.95
N ASP A 101 -19.38 2.07 -5.10
CA ASP A 101 -18.78 1.31 -6.21
C ASP A 101 -17.38 1.84 -6.61
N ASP A 102 -17.19 3.16 -6.62
CA ASP A 102 -15.88 3.72 -7.05
C ASP A 102 -14.86 3.56 -5.95
N GLN A 103 -15.33 3.73 -4.72
CA GLN A 103 -14.43 3.48 -3.58
C GLN A 103 -13.88 2.07 -3.67
N ILE A 104 -14.78 1.13 -3.94
CA ILE A 104 -14.47 -0.29 -4.12
C ILE A 104 -13.48 -0.53 -5.24
N VAL A 105 -13.72 0.04 -6.43
CA VAL A 105 -12.79 -0.12 -7.54
C VAL A 105 -11.40 0.40 -7.17
N LEU A 106 -11.33 1.51 -6.43
CA LEU A 106 -10.05 2.14 -6.13
C LEU A 106 -9.30 1.33 -5.09
N LEU A 107 -10.01 0.77 -4.14
CA LEU A 107 -9.30 0.02 -3.10
C LEU A 107 -8.83 -1.33 -3.64
N LYS A 108 -9.69 -1.93 -4.45
CA LYS A 108 -9.42 -3.24 -5.00
C LYS A 108 -8.12 -3.22 -5.86
N SER A 109 -7.91 -2.15 -6.63
CA SER A 109 -6.81 -2.08 -7.57
C SER A 109 -5.57 -1.52 -6.89
N SER A 110 -5.74 -0.66 -5.86
CA SER A 110 -4.59 -0.06 -5.19
C SER A 110 -4.05 -0.80 -3.97
N ALA A 111 -4.78 -1.78 -3.45
CA ALA A 111 -4.47 -2.33 -2.14
C ALA A 111 -3.05 -2.86 -2.07
N ILE A 112 -2.68 -3.68 -3.05
CA ILE A 112 -1.33 -4.24 -3.04
C ILE A 112 -0.26 -3.14 -3.13
N GLU A 113 -0.52 -2.11 -3.92
CA GLU A 113 0.36 -1.01 -4.10
C GLU A 113 0.62 -0.22 -2.80
N VAL A 114 -0.46 0.09 -2.09
CA VAL A 114 -0.34 0.82 -0.82
C VAL A 114 0.30 -0.07 0.23
N ILE A 115 0.06 -1.38 0.20
CA ILE A 115 0.79 -2.24 1.13
C ILE A 115 2.28 -2.21 0.80
N MET A 116 2.60 -2.20 -0.49
CA MET A 116 4.05 -2.06 -0.87
C MET A 116 4.66 -0.76 -0.41
N LEU A 117 3.97 0.35 -0.68
CA LEU A 117 4.38 1.68 -0.16
C LEU A 117 4.47 1.76 1.36
N ARG A 118 3.44 1.29 2.05
CA ARG A 118 3.41 1.48 3.54
C ARG A 118 4.49 0.58 4.21
N SER A 119 4.83 -0.52 3.55
CA SER A 119 5.87 -1.43 4.06
C SER A 119 7.24 -0.79 4.05
N ASN A 120 7.44 0.23 3.23
CA ASN A 120 8.76 0.91 3.24
C ASN A 120 9.18 1.41 4.62
N GLN A 121 8.24 1.61 5.53
CA GLN A 121 8.52 2.11 6.87
C GLN A 121 9.21 1.02 7.72
N SER A 122 8.87 -0.24 7.48
CA SER A 122 9.54 -1.33 8.16
C SER A 122 10.78 -1.80 7.40
N PHE A 123 10.85 -1.48 6.11
CA PHE A 123 11.96 -1.95 5.27
C PHE A 123 13.29 -1.29 5.63
N THR A 124 14.39 -2.07 5.63
CA THR A 124 15.71 -1.60 6.07
C THR A 124 16.73 -1.94 5.00
N MET A 125 17.52 -0.95 4.63
CA MET A 125 18.63 -1.15 3.74
C MET A 125 19.73 -2.02 4.40
N ASP A 126 19.79 -2.01 5.73
CA ASP A 126 20.88 -2.62 6.45
C ASP A 126 21.02 -4.03 5.94
N ASP A 127 19.92 -4.72 5.67
CA ASP A 127 19.99 -6.09 5.17
C ASP A 127 18.86 -6.47 4.18
N MET A 128 18.30 -5.46 3.53
CA MET A 128 17.26 -5.65 2.52
C MET A 128 16.05 -6.44 3.02
N SER A 129 15.53 -6.07 4.18
CA SER A 129 14.45 -6.83 4.77
C SER A 129 13.41 -5.87 5.31
N TRP A 130 12.23 -6.43 5.56
CA TRP A 130 11.22 -5.73 6.36
C TRP A 130 11.33 -6.12 7.81
N ASP A 131 11.74 -5.16 8.64
CA ASP A 131 12.04 -5.38 10.07
C ASP A 131 10.88 -4.96 10.96
N CYS A 132 10.01 -5.91 11.33
CA CYS A 132 8.84 -5.63 12.18
C CYS A 132 9.04 -5.91 13.70
N GLY A 133 10.21 -5.58 14.24
CA GLY A 133 10.41 -5.46 15.69
C GLY A 133 11.20 -6.59 16.33
N SER A 134 11.13 -7.76 15.72
CA SER A 134 11.68 -8.97 16.28
C SER A 134 11.97 -9.92 15.16
N GLN A 135 12.96 -10.77 15.40
CA GLN A 135 13.40 -11.80 14.44
C GLN A 135 12.23 -12.61 13.82
N ASP A 136 11.32 -13.03 14.68
CA ASP A 136 10.07 -13.70 14.31
C ASP A 136 9.33 -12.95 13.14
N TYR A 137 9.30 -11.63 13.25
CA TYR A 137 8.55 -10.78 12.33
C TYR A 137 9.46 -9.94 11.42
N LYS A 138 10.55 -10.53 10.95
CA LYS A 138 11.46 -9.86 10.06
C LYS A 138 11.48 -10.65 8.75
N TYR A 139 11.09 -10.04 7.65
CA TYR A 139 10.85 -10.79 6.41
C TYR A 139 11.88 -10.46 5.30
N ASP A 140 12.44 -11.51 4.70
CA ASP A 140 13.43 -11.33 3.64
C ASP A 140 13.00 -11.98 2.34
N VAL A 141 13.92 -12.01 1.40
CA VAL A 141 13.66 -12.54 0.08
C VAL A 141 13.15 -14.01 0.15
N THR A 142 13.82 -14.85 0.93
CA THR A 142 13.45 -16.27 1.17
C THR A 142 12.06 -16.46 1.79
N ASP A 143 11.69 -15.57 2.70
CA ASP A 143 10.39 -15.62 3.30
C ASP A 143 9.33 -15.35 2.27
N VAL A 144 9.52 -14.35 1.43
CA VAL A 144 8.47 -14.01 0.48
C VAL A 144 8.38 -15.15 -0.56
N SER A 145 9.51 -15.82 -0.85
CA SER A 145 9.48 -17.02 -1.72
C SER A 145 8.73 -18.17 -1.10
N LYS A 146 8.86 -18.33 0.20
CA LYS A 146 8.16 -19.37 0.90
C LYS A 146 6.69 -19.01 1.07
N ALA A 147 6.24 -17.89 0.47
CA ALA A 147 4.82 -17.61 0.42
C ALA A 147 4.24 -17.80 -0.99
N GLY A 148 4.96 -18.49 -1.87
CA GLY A 148 4.44 -18.73 -3.22
C GLY A 148 4.82 -17.75 -4.35
N HIS A 149 5.72 -16.82 -4.08
CA HIS A 149 6.17 -15.89 -5.11
C HIS A 149 7.60 -16.15 -5.54
N THR A 150 7.93 -15.65 -6.73
CA THR A 150 9.24 -15.79 -7.33
C THR A 150 9.98 -14.46 -7.47
N LEU A 151 11.18 -14.51 -8.03
CA LEU A 151 12.11 -13.39 -8.04
C LEU A 151 11.69 -12.42 -9.11
N GLU A 152 10.83 -12.84 -10.02
CA GLU A 152 10.35 -11.94 -11.04
C GLU A 152 9.48 -10.81 -10.48
N LEU A 153 8.81 -11.11 -9.35
CA LEU A 153 8.22 -10.10 -8.45
C LEU A 153 9.19 -9.55 -7.39
N ILE A 154 9.85 -10.43 -6.66
CA ILE A 154 10.58 -10.06 -5.46
C ILE A 154 11.77 -9.18 -5.78
N GLU A 155 12.50 -9.46 -6.84
CA GLU A 155 13.68 -8.67 -7.14
C GLU A 155 13.29 -7.18 -7.40
N PRO A 156 12.34 -6.91 -8.32
CA PRO A 156 11.97 -5.49 -8.54
C PRO A 156 11.16 -4.88 -7.38
N LEU A 157 10.51 -5.72 -6.57
CA LEU A 157 9.95 -5.31 -5.29
C LEU A 157 11.03 -4.80 -4.34
N ILE A 158 12.13 -5.52 -4.18
CA ILE A 158 13.24 -5.04 -3.34
C ILE A 158 13.85 -3.77 -3.88
N LYS A 159 14.08 -3.72 -5.20
CA LYS A 159 14.62 -2.52 -5.83
C LYS A 159 13.71 -1.28 -5.69
N PHE A 160 12.41 -1.49 -5.74
CA PHE A 160 11.47 -0.44 -5.47
C PHE A 160 11.64 0.08 -4.05
N GLN A 161 11.71 -0.84 -3.09
CA GLN A 161 11.89 -0.48 -1.69
C GLN A 161 13.17 0.29 -1.51
N VAL A 162 14.22 -0.09 -2.21
CA VAL A 162 15.49 0.60 -2.07
C VAL A 162 15.40 2.03 -2.63
N GLY A 163 14.75 2.17 -3.79
CA GLY A 163 14.62 3.50 -4.48
C GLY A 163 13.70 4.46 -3.70
N LEU A 164 12.64 3.91 -3.16
CA LEU A 164 11.74 4.65 -2.32
C LEU A 164 12.43 5.05 -1.01
N LYS A 165 13.19 4.11 -0.40
CA LYS A 165 13.99 4.44 0.82
C LYS A 165 14.96 5.58 0.60
N LYS A 166 15.68 5.54 -0.53
CA LYS A 166 16.67 6.59 -0.87
C LYS A 166 16.10 7.99 -1.06
N LEU A 167 14.83 8.11 -1.38
CA LEU A 167 14.18 9.41 -1.38
C LEU A 167 14.10 10.07 0.00
N ASN A 168 14.19 9.28 1.06
CA ASN A 168 14.11 9.78 2.43
C ASN A 168 12.93 10.72 2.68
N LEU A 169 11.74 10.20 2.46
CA LEU A 169 10.60 11.07 2.40
C LEU A 169 10.25 11.58 3.78
N HIS A 170 9.68 12.78 3.80
CA HIS A 170 9.08 13.30 4.99
C HIS A 170 7.83 12.46 5.16
N GLU A 171 7.46 12.21 6.41
CA GLU A 171 6.26 11.46 6.66
C GLU A 171 5.08 12.15 5.93
N GLU A 172 5.13 13.48 5.77
CA GLU A 172 4.06 14.20 5.10
C GLU A 172 4.00 13.74 3.64
N GLU A 173 5.13 13.67 3.00
CA GLU A 173 5.20 13.21 1.62
C GLU A 173 4.76 11.71 1.47
N HIS A 174 5.15 10.89 2.42
CA HIS A 174 4.75 9.48 2.46
C HIS A 174 3.20 9.28 2.40
N VAL A 175 2.49 10.04 3.22
CA VAL A 175 1.07 9.82 3.43
C VAL A 175 0.35 10.38 2.25
N LEU A 176 0.88 11.47 1.70
CA LEU A 176 0.32 12.02 0.47
C LEU A 176 0.51 11.08 -0.72
N LEU A 177 1.63 10.38 -0.79
CA LEU A 177 1.87 9.42 -1.88
C LEU A 177 0.94 8.24 -1.84
N MET A 178 0.75 7.68 -0.66
CA MET A 178 -0.24 6.61 -0.47
C MET A 178 -1.63 7.06 -0.85
N ALA A 179 -1.96 8.30 -0.54
CA ALA A 179 -3.31 8.82 -0.80
C ALA A 179 -3.52 9.01 -2.29
N ILE A 180 -2.52 9.60 -2.93
CA ILE A 180 -2.53 9.83 -4.38
C ILE A 180 -2.66 8.52 -5.14
N CYS A 181 -2.00 7.49 -4.61
CA CYS A 181 -2.06 6.14 -5.22
C CYS A 181 -3.48 5.54 -5.13
N ILE A 182 -4.11 5.69 -3.99
CA ILE A 182 -5.52 5.21 -3.81
C ILE A 182 -6.49 5.94 -4.76
N VAL A 183 -6.36 7.25 -4.83
CA VAL A 183 -7.28 8.00 -5.65
C VAL A 183 -6.71 8.28 -7.02
N SER A 184 -6.64 7.25 -7.86
CA SER A 184 -6.09 7.35 -9.21
C SER A 184 -7.23 7.25 -10.20
N PRO A 185 -7.44 8.28 -11.04
CA PRO A 185 -8.60 8.33 -11.96
C PRO A 185 -8.58 7.26 -13.08
N ASP A 186 -7.40 6.66 -13.38
CA ASP A 186 -7.29 5.72 -14.50
C ASP A 186 -7.65 4.28 -14.22
N ARG A 187 -7.84 3.90 -12.96
CA ARG A 187 -8.06 2.50 -12.61
C ARG A 187 -9.23 1.99 -13.44
N PRO A 188 -9.14 0.79 -14.02
CA PRO A 188 -10.34 0.38 -14.79
C PRO A 188 -11.63 0.22 -13.94
N GLY A 189 -12.76 0.54 -14.54
CA GLY A 189 -14.07 0.37 -13.93
C GLY A 189 -14.54 1.59 -13.17
N VAL A 190 -13.76 2.67 -13.21
CA VAL A 190 -14.08 3.85 -12.42
C VAL A 190 -15.16 4.58 -13.20
N GLN A 191 -16.33 4.78 -12.58
CA GLN A 191 -17.43 5.40 -13.29
C GLN A 191 -17.18 6.91 -13.31
N ASP A 192 -17.05 7.53 -12.13
CA ASP A 192 -16.90 8.99 -12.06
C ASP A 192 -15.43 9.47 -12.03
N ALA A 193 -14.76 9.27 -13.16
CA ALA A 193 -13.34 9.59 -13.27
C ALA A 193 -13.01 11.04 -12.95
N LYS A 194 -13.87 11.96 -13.35
CA LYS A 194 -13.53 13.37 -13.24
C LYS A 194 -13.47 13.78 -11.77
N LEU A 195 -14.35 13.20 -10.96
CA LEU A 195 -14.36 13.49 -9.53
C LEU A 195 -13.13 12.84 -8.85
N VAL A 196 -12.78 11.64 -9.27
CA VAL A 196 -11.59 10.99 -8.77
C VAL A 196 -10.34 11.85 -9.10
N GLU A 197 -10.31 12.40 -10.33
CA GLU A 197 -9.21 13.30 -10.77
C GLU A 197 -9.15 14.58 -9.94
N ALA A 198 -10.30 15.18 -9.68
CA ALA A 198 -10.31 16.44 -8.95
C ALA A 198 -9.81 16.16 -7.53
N ILE A 199 -10.22 15.04 -6.95
CA ILE A 199 -9.75 14.67 -5.60
C ILE A 199 -8.21 14.47 -5.56
N GLN A 200 -7.71 13.70 -6.54
CA GLN A 200 -6.29 13.44 -6.68
C GLN A 200 -5.49 14.71 -6.91
N ASP A 201 -6.02 15.61 -7.72
CA ASP A 201 -5.39 16.90 -8.05
C ASP A 201 -5.16 17.73 -6.77
N ARG A 202 -6.18 17.85 -5.94
CA ARG A 202 -6.03 18.51 -4.66
C ARG A 202 -4.82 17.92 -3.88
N LEU A 203 -4.71 16.59 -3.83
CA LEU A 203 -3.60 15.95 -3.12
C LEU A 203 -2.28 16.14 -3.85
N SER A 204 -2.25 16.02 -5.19
CA SER A 204 -1.03 16.23 -5.98
C SER A 204 -0.50 17.66 -5.77
N ASN A 205 -1.39 18.65 -5.85
CA ASN A 205 -1.00 20.05 -5.70
C ASN A 205 -0.56 20.36 -4.29
N THR A 206 -1.18 19.68 -3.32
CA THR A 206 -0.71 19.74 -1.96
C THR A 206 0.72 19.22 -1.86
N LEU A 207 0.98 18.10 -2.53
CA LEU A 207 2.31 17.49 -2.50
C LEU A 207 3.37 18.36 -3.23
N GLN A 208 3.11 18.79 -4.46
CA GLN A 208 4.06 19.68 -5.18
C GLN A 208 4.39 20.92 -4.34
N THR A 209 3.36 21.47 -3.70
CA THR A 209 3.50 22.71 -2.98
C THR A 209 4.22 22.47 -1.67
N TYR A 210 3.93 21.35 -0.98
CA TYR A 210 4.67 20.94 0.21
C TYR A 210 6.17 20.75 -0.07
N ILE A 211 6.51 20.14 -1.22
CA ILE A 211 7.92 19.86 -1.50
C ILE A 211 8.65 21.18 -1.67
N ARG A 212 8.05 22.07 -2.41
CA ARG A 212 8.63 23.38 -2.65
C ARG A 212 8.81 24.13 -1.34
N CYS A 213 7.80 24.17 -0.48
CA CYS A 213 7.89 25.06 0.69
C CYS A 213 8.65 24.46 1.85
N ARG A 214 8.63 23.15 2.01
CA ARG A 214 9.15 22.55 3.25
C ARG A 214 10.29 21.56 3.07
N HIS A 215 10.61 21.18 1.84
CA HIS A 215 11.66 20.14 1.64
C HIS A 215 12.89 20.82 1.06
N PRO A 216 13.93 20.90 1.87
CA PRO A 216 15.05 21.73 1.43
C PRO A 216 15.90 21.02 0.36
N PRO A 217 16.56 21.80 -0.52
CA PRO A 217 17.47 21.17 -1.44
C PRO A 217 18.70 20.63 -0.68
N PRO A 218 19.38 19.60 -1.23
CA PRO A 218 19.11 18.96 -2.52
C PRO A 218 18.12 17.80 -2.51
N GLY A 219 17.65 17.38 -1.35
CA GLY A 219 16.71 16.29 -1.29
C GLY A 219 15.44 16.52 -2.10
N SER A 220 15.09 17.77 -2.36
CA SER A 220 13.89 18.14 -3.11
C SER A 220 14.01 18.07 -4.63
N HIS A 221 15.22 17.80 -5.10
CA HIS A 221 15.50 17.87 -6.52
C HIS A 221 14.74 16.81 -7.34
N GLN A 222 13.78 17.31 -8.14
CA GLN A 222 12.89 16.51 -8.98
C GLN A 222 12.13 15.52 -8.13
N LEU A 223 11.91 15.86 -6.86
CA LEU A 223 11.44 14.85 -5.92
C LEU A 223 10.01 14.45 -6.29
N TYR A 224 9.24 15.39 -6.82
CA TYR A 224 7.86 15.13 -7.20
C TYR A 224 7.82 14.11 -8.30
N ALA A 225 8.67 14.30 -9.30
CA ALA A 225 8.70 13.49 -10.51
C ALA A 225 9.21 12.08 -10.18
N LYS A 226 10.13 11.99 -9.22
CA LYS A 226 10.62 10.73 -8.68
C LYS A 226 9.54 10.04 -7.84
N MET A 227 8.69 10.80 -7.16
CA MET A 227 7.55 10.20 -6.49
C MET A 227 6.50 9.62 -7.45
N ILE A 228 6.25 10.31 -8.55
CA ILE A 228 5.26 9.87 -9.51
C ILE A 228 5.80 8.64 -10.26
N GLN A 229 7.12 8.63 -10.54
CA GLN A 229 7.76 7.49 -11.11
C GLN A 229 7.47 6.25 -10.27
N LYS A 230 7.57 6.36 -8.95
CA LYS A 230 7.27 5.23 -8.05
C LYS A 230 5.84 4.72 -8.20
N LEU A 231 4.90 5.60 -8.48
CA LEU A 231 3.52 5.18 -8.81
C LEU A 231 3.48 4.35 -10.09
N ALA A 232 4.35 4.68 -11.05
CA ALA A 232 4.43 3.90 -12.28
C ALA A 232 5.11 2.54 -12.00
N ASP A 233 6.19 2.54 -11.21
CA ASP A 233 6.80 1.27 -10.84
C ASP A 233 5.73 0.38 -10.15
N LEU A 234 4.88 0.99 -9.30
CA LEU A 234 3.85 0.20 -8.60
C LEU A 234 2.84 -0.46 -9.54
N ARG A 235 2.52 0.17 -10.69
CA ARG A 235 1.59 -0.45 -11.66
C ARG A 235 2.17 -1.75 -12.14
N SER A 236 3.45 -1.72 -12.48
CA SER A 236 4.20 -2.92 -12.95
C SER A 236 4.31 -3.98 -11.84
N LEU A 237 4.55 -3.55 -10.61
CA LEU A 237 4.55 -4.48 -9.46
C LEU A 237 3.18 -5.11 -9.18
N ASN A 238 2.16 -4.32 -9.39
CA ASN A 238 0.78 -4.77 -9.25
C ASN A 238 0.39 -5.88 -10.27
N GLU A 239 0.67 -5.61 -11.54
CA GLU A 239 0.47 -6.53 -12.62
C GLU A 239 1.14 -7.85 -12.32
N GLU A 240 2.40 -7.80 -11.90
CA GLU A 240 3.17 -9.03 -11.73
C GLU A 240 2.58 -9.83 -10.56
N HIS A 241 2.28 -9.12 -9.49
CA HIS A 241 1.66 -9.74 -8.35
C HIS A 241 0.29 -10.33 -8.68
N SER A 242 -0.55 -9.61 -9.39
CA SER A 242 -1.85 -10.16 -9.81
C SER A 242 -1.72 -11.49 -10.55
N LYS A 243 -0.77 -11.54 -11.48
CA LYS A 243 -0.49 -12.76 -12.25
C LYS A 243 0.11 -13.93 -11.41
N GLN A 244 1.02 -13.64 -10.48
CA GLN A 244 1.51 -14.70 -9.60
C GLN A 244 0.41 -15.09 -8.58
N TYR A 245 -0.46 -14.15 -8.28
CA TYR A 245 -1.50 -14.40 -7.33
C TYR A 245 -2.55 -15.31 -7.96
N ARG A 246 -2.87 -15.07 -9.23
CA ARG A 246 -3.78 -15.90 -10.00
C ARG A 246 -3.28 -17.32 -10.03
N SER A 247 -1.97 -17.46 -10.20
CA SER A 247 -1.40 -18.80 -10.38
C SER A 247 -1.40 -19.52 -9.01
N LEU A 248 -0.92 -18.84 -8.00
CA LEU A 248 -1.01 -19.34 -6.61
C LEU A 248 -2.45 -19.77 -6.21
N SER A 249 -3.41 -18.88 -6.39
CA SER A 249 -4.79 -19.08 -5.91
C SER A 249 -5.61 -20.09 -6.72
N PHE A 250 -5.25 -20.33 -7.97
CA PHE A 250 -5.99 -21.33 -8.79
C PHE A 250 -5.86 -22.73 -8.18
N GLN A 251 -4.77 -22.93 -7.46
CA GLN A 251 -4.52 -24.19 -6.77
C GLN A 251 -5.35 -24.20 -5.45
N PRO A 252 -6.46 -24.97 -5.43
CA PRO A 252 -7.38 -24.86 -4.29
C PRO A 252 -6.71 -25.16 -2.92
N GLU A 253 -5.63 -25.93 -2.90
CA GLU A 253 -4.88 -26.15 -1.64
C GLU A 253 -4.19 -24.91 -1.09
N ASN A 254 -3.74 -24.00 -1.95
CA ASN A 254 -3.18 -22.69 -1.49
C ASN A 254 -4.23 -21.63 -1.16
N SER A 255 -5.23 -21.52 -2.01
CA SER A 255 -6.39 -20.66 -1.73
C SER A 255 -7.03 -21.01 -0.34
N MET A 256 -6.94 -22.26 0.09
CA MET A 256 -7.33 -22.65 1.46
C MET A 256 -6.58 -21.92 2.57
N LYS A 257 -5.33 -21.57 2.33
CA LYS A 257 -4.47 -20.94 3.29
C LYS A 257 -4.65 -19.39 3.36
N LEU A 258 -5.38 -18.81 2.41
CA LEU A 258 -5.60 -17.34 2.37
C LEU A 258 -6.68 -16.95 3.37
N THR A 259 -7.07 -15.68 3.37
CA THR A 259 -8.22 -15.23 4.17
C THR A 259 -9.42 -14.84 3.26
N PRO A 260 -10.62 -14.76 3.84
CA PRO A 260 -11.70 -14.40 2.98
C PRO A 260 -11.53 -13.00 2.44
N LEU A 261 -10.94 -12.09 3.21
CA LEU A 261 -10.76 -10.72 2.73
C LEU A 261 -9.73 -10.68 1.57
N VAL A 262 -8.65 -11.45 1.69
CA VAL A 262 -7.67 -11.51 0.61
C VAL A 262 -8.35 -12.08 -0.62
N LEU A 263 -9.16 -13.13 -0.47
CA LEU A 263 -9.87 -13.69 -1.64
C LEU A 263 -10.82 -12.70 -2.35
N GLU A 264 -11.60 -11.95 -1.58
CA GLU A 264 -12.56 -10.99 -2.15
C GLU A 264 -11.77 -9.84 -2.81
N VAL A 265 -10.77 -9.33 -2.11
CA VAL A 265 -10.03 -8.16 -2.63
C VAL A 265 -9.08 -8.48 -3.79
N PHE A 266 -8.28 -9.52 -3.69
CA PHE A 266 -7.37 -9.81 -4.78
C PHE A 266 -8.01 -10.67 -5.89
N GLY A 267 -9.04 -11.44 -5.55
CA GLY A 267 -9.75 -12.21 -6.55
C GLY A 267 -9.74 -13.68 -6.20
N ASN A 268 -10.57 -14.43 -6.92
CA ASN A 268 -10.82 -15.84 -6.58
C ASN A 268 -11.03 -16.73 -7.85
N LYS B 1 -19.41 -4.60 -6.25
CA LYS B 1 -20.26 -5.67 -6.92
C LYS B 1 -19.80 -7.05 -6.43
N ASN B 2 -20.64 -7.70 -5.59
CA ASN B 2 -20.25 -8.85 -4.76
C ASN B 2 -18.91 -8.65 -3.97
N HIS B 3 -18.84 -7.56 -3.19
CA HIS B 3 -17.69 -7.28 -2.30
C HIS B 3 -18.15 -6.94 -0.92
N PRO B 4 -18.83 -7.90 -0.27
CA PRO B 4 -19.48 -7.66 1.05
C PRO B 4 -18.58 -7.24 2.18
N MET B 5 -17.33 -7.69 2.18
CA MET B 5 -16.38 -7.40 3.30
C MET B 5 -15.72 -6.05 3.15
N LEU B 6 -15.39 -5.71 1.90
CA LEU B 6 -14.85 -4.42 1.53
C LEU B 6 -15.90 -3.34 1.75
N MET B 7 -17.13 -3.62 1.32
CA MET B 7 -18.23 -2.66 1.47
C MET B 7 -18.57 -2.43 2.92
N ASN B 8 -18.56 -3.49 3.70
CA ASN B 8 -18.66 -3.35 5.14
C ASN B 8 -17.52 -2.49 5.74
N LEU B 9 -16.26 -2.73 5.39
CA LEU B 9 -15.12 -1.98 6.02
C LEU B 9 -15.10 -0.48 5.63
N LEU B 10 -15.66 -0.21 4.45
CA LEU B 10 -15.84 1.13 3.89
C LEU B 10 -17.01 1.92 4.45
N LYS B 11 -18.11 1.27 4.82
CA LYS B 11 -19.22 2.00 5.43
C LYS B 11 -18.75 2.68 6.73
#